data_2ILZ
#
_entry.id   2ILZ
#
_cell.length_a   128.159
_cell.length_b   128.159
_cell.length_c   112.610
_cell.angle_alpha   90.00
_cell.angle_beta   90.00
_cell.angle_gamma   120.00
#
_symmetry.space_group_name_H-M   'P 65'
#
loop_
_entity.id
_entity.type
_entity.pdbx_description
1 polymer 'poliovirus polymerase'
2 non-polymer 'MANGANESE (II) ION'
3 non-polymer 'SODIUM ION'
4 non-polymer "GUANOSINE-5'-TRIPHOSPHATE"
5 non-polymer 'ACETIC ACID'
6 water water
#
_entity_poly.entity_id   1
_entity_poly.type   'polypeptide(L)'
_entity_poly.pdbx_seq_one_letter_code
;GEIQWMRPSKEVGYPIINAPSKTKLEPSAFHYVFEGVKEPAVLTKNDPRLKTDFEEAIFSKYVGNKITEVDEYMKEAVDH
YAGQLMSLDINTEQM(CAS)LEDAMYGTDGLEALDLSTSAGYPYVAMGKKKRDILNKQTRDTKEMQKLLDTYGINLPLVT
YVKDELRSKTKVEQGKSRLIEASSLNDSVAMRMAFGNLYAAFHKNPGVITGSAVG(CAS)DPDLFWSKIPVLMEEKLFAF
DYTGYDASLSPAWFEALKMVLEKIGFGDRVDYIDYLNHSHHLYKNKTY(CAS)VKGGMPSG(CAS)SGTSIFNSMINNLI
IRTLLLKTYKGIDLDHLKMIAYGDDVIASYPHEVDASLLAQSGKDYGLTMTPADKSATFETVTWENVTFLKRFFRADEKY
PFLIHPVMPMKEIHESIRWTKDPRNTQDHVRSLCLLAWHNGEEEYNKFLAKIRSVPIGRALDLPEYSTLYDRWLDSF
;
_entity_poly.pdbx_strand_id   A
#
# COMPACT_ATOMS: atom_id res chain seq x y z
N GLY A 1 15.34 -4.01 6.73
CA GLY A 1 15.22 -2.84 7.63
C GLY A 1 15.73 -3.11 9.03
N GLU A 2 16.43 -2.13 9.61
CA GLU A 2 16.97 -2.28 10.95
C GLU A 2 17.18 -0.95 11.68
N ILE A 3 16.74 -0.92 12.95
CA ILE A 3 16.89 0.29 13.79
C ILE A 3 18.31 0.41 14.32
N GLN A 4 18.95 1.54 14.05
CA GLN A 4 20.33 1.77 14.48
C GLN A 4 20.48 2.19 15.94
N TRP A 5 19.63 3.12 16.34
CA TRP A 5 19.60 3.64 17.70
C TRP A 5 18.23 4.27 17.96
N MET A 6 17.82 4.23 19.22
CA MET A 6 16.55 4.80 19.66
C MET A 6 16.76 5.44 21.02
N ARG A 7 16.29 6.67 21.18
CA ARG A 7 16.44 7.36 22.46
C ARG A 7 15.44 8.51 22.68
N PRO A 8 15.34 8.99 23.92
CA PRO A 8 14.44 10.09 24.30
C PRO A 8 14.54 11.33 23.42
N SER A 9 13.45 11.68 22.75
CA SER A 9 13.39 12.84 21.86
C SER A 9 13.84 14.15 22.50
N LYS A 10 13.95 14.18 23.82
CA LYS A 10 14.39 15.39 24.52
C LYS A 10 15.91 15.43 24.45
N GLU A 11 16.53 14.27 24.66
CA GLU A 11 17.98 14.15 24.61
C GLU A 11 18.55 14.67 23.29
N VAL A 12 17.71 15.08 22.35
CA VAL A 12 18.20 15.58 21.07
C VAL A 12 17.41 16.76 20.54
N GLY A 13 16.58 17.35 21.40
CA GLY A 13 15.80 18.53 21.01
C GLY A 13 14.53 18.33 20.21
N TYR A 14 13.77 17.28 20.53
CA TYR A 14 12.51 17.01 19.85
C TYR A 14 11.35 16.87 20.83
N PRO A 15 10.20 17.48 20.50
CA PRO A 15 8.97 17.47 21.31
C PRO A 15 8.28 16.11 21.35
N ILE A 16 7.72 15.77 22.51
CA ILE A 16 7.00 14.50 22.66
C ILE A 16 5.72 14.54 21.84
N ILE A 17 5.52 13.53 20.99
CA ILE A 17 4.33 13.46 20.13
C ILE A 17 3.18 12.75 20.85
N ASN A 18 1.97 13.30 20.71
CA ASN A 18 0.80 12.72 21.34
C ASN A 18 0.07 11.78 20.40
N ALA A 19 -0.26 10.59 20.92
CA ALA A 19 -0.97 9.60 20.15
C ALA A 19 -2.22 9.21 20.92
N PRO A 20 -3.41 9.48 20.36
CA PRO A 20 -4.66 9.14 21.04
C PRO A 20 -4.54 7.72 21.60
N SER A 21 -4.65 7.58 22.91
CA SER A 21 -4.52 6.26 23.54
C SER A 21 -5.77 5.39 23.39
N LYS A 22 -6.83 5.97 22.84
CA LYS A 22 -8.08 5.24 22.67
C LYS A 22 -8.52 5.13 21.20
N THR A 23 -8.95 3.94 20.81
CA THR A 23 -9.41 3.69 19.44
C THR A 23 -10.67 4.44 19.11
N LYS A 24 -10.86 4.76 17.83
CA LYS A 24 -12.06 5.46 17.38
C LYS A 24 -13.10 4.44 16.88
N LEU A 25 -12.73 3.18 16.93
CA LEU A 25 -13.59 2.09 16.49
C LEU A 25 -14.51 1.55 17.57
N GLU A 26 -15.81 1.54 17.29
CA GLU A 26 -16.79 1.01 18.23
C GLU A 26 -17.79 0.23 17.41
N PRO A 27 -18.45 -0.76 18.02
CA PRO A 27 -19.44 -1.58 17.32
C PRO A 27 -20.42 -0.70 16.57
N SER A 28 -20.82 -1.15 15.39
CA SER A 28 -21.75 -0.40 14.53
C SER A 28 -23.16 -0.97 14.61
N ALA A 29 -24.10 -0.25 14.01
CA ALA A 29 -25.49 -0.67 13.98
C ALA A 29 -25.63 -2.10 13.47
N PHE A 30 -24.59 -2.60 12.80
CA PHE A 30 -24.65 -3.94 12.25
C PHE A 30 -23.73 -4.92 12.96
N HIS A 31 -23.19 -4.51 14.10
CA HIS A 31 -22.27 -5.35 14.86
C HIS A 31 -22.78 -6.75 15.22
N TYR A 32 -24.08 -6.87 15.49
CA TYR A 32 -24.65 -8.17 15.85
C TYR A 32 -25.41 -8.85 14.73
N VAL A 33 -25.65 -8.11 13.65
CA VAL A 33 -26.36 -8.68 12.51
C VAL A 33 -25.40 -9.44 11.61
N PHE A 34 -24.10 -9.16 11.76
CA PHE A 34 -23.07 -9.82 10.96
C PHE A 34 -22.03 -10.47 11.83
N GLU A 35 -21.35 -11.48 11.28
CA GLU A 35 -20.32 -12.19 12.02
C GLU A 35 -18.94 -11.62 11.74
N GLY A 36 -18.09 -11.62 12.75
CA GLY A 36 -16.74 -11.12 12.60
C GLY A 36 -15.94 -11.43 13.85
N VAL A 37 -14.61 -11.52 13.72
CA VAL A 37 -13.78 -11.84 14.87
C VAL A 37 -12.63 -10.87 15.06
N LYS A 38 -12.65 -9.75 14.35
CA LYS A 38 -11.59 -8.77 14.48
C LYS A 38 -11.97 -7.64 15.43
N GLU A 39 -10.97 -7.08 16.11
CA GLU A 39 -11.18 -5.97 17.05
C GLU A 39 -10.19 -4.88 16.72
N PRO A 40 -10.32 -3.70 17.35
CA PRO A 40 -9.38 -2.61 17.07
C PRO A 40 -7.99 -3.03 17.51
N ALA A 41 -6.96 -2.54 16.83
CA ALA A 41 -5.58 -2.90 17.15
C ALA A 41 -5.08 -2.16 18.38
N VAL A 42 -4.19 -2.80 19.13
CA VAL A 42 -3.62 -2.17 20.33
C VAL A 42 -3.02 -0.82 19.98
N LEU A 43 -3.38 0.21 20.74
CA LEU A 43 -2.86 1.54 20.49
C LEU A 43 -1.88 1.97 21.56
N THR A 44 -1.96 1.36 22.74
CA THR A 44 -1.07 1.70 23.85
C THR A 44 -0.53 0.47 24.55
N LYS A 45 0.59 0.68 25.24
CA LYS A 45 1.32 -0.35 25.97
C LYS A 45 0.50 -1.06 27.07
N ASN A 46 -0.50 -0.34 27.58
CA ASN A 46 -1.35 -0.85 28.66
C ASN A 46 -2.46 -1.80 28.25
N ASP A 47 -2.97 -1.65 27.03
CA ASP A 47 -4.06 -2.49 26.53
C ASP A 47 -4.05 -3.91 27.13
N PRO A 48 -5.08 -4.23 27.93
CA PRO A 48 -5.34 -5.49 28.62
C PRO A 48 -5.26 -6.75 27.77
N ARG A 49 -5.53 -6.59 26.47
CA ARG A 49 -5.52 -7.74 25.55
C ARG A 49 -4.11 -8.28 25.28
N LEU A 50 -3.09 -7.45 25.55
CA LEU A 50 -1.69 -7.81 25.30
C LEU A 50 -1.18 -9.03 26.06
N LYS A 51 -0.48 -9.89 25.33
CA LYS A 51 0.12 -11.11 25.90
C LYS A 51 1.63 -11.12 25.66
N THR A 52 2.19 -9.93 25.41
CA THR A 52 3.62 -9.74 25.16
C THR A 52 3.91 -8.24 25.16
N ASP A 53 5.17 -7.87 25.14
CA ASP A 53 5.53 -6.46 25.16
C ASP A 53 5.10 -5.74 23.88
N PHE A 54 4.34 -4.67 24.06
CA PHE A 54 3.85 -3.86 22.94
C PHE A 54 5.00 -3.19 22.20
N GLU A 55 5.88 -2.52 22.95
CA GLU A 55 7.02 -1.81 22.35
C GLU A 55 7.85 -2.73 21.47
N GLU A 56 8.25 -3.87 22.02
CA GLU A 56 9.06 -4.82 21.29
C GLU A 56 8.34 -5.32 20.05
N ALA A 57 7.05 -5.60 20.18
CA ALA A 57 6.26 -6.12 19.08
C ALA A 57 6.11 -5.20 17.90
N ILE A 58 5.71 -3.96 18.13
CA ILE A 58 5.50 -3.03 17.02
C ILE A 58 6.75 -2.70 16.22
N PHE A 59 7.91 -2.92 16.81
CA PHE A 59 9.15 -2.61 16.10
C PHE A 59 9.86 -3.85 15.59
N SER A 60 9.32 -5.02 15.91
CA SER A 60 9.97 -6.24 15.46
C SER A 60 9.89 -6.42 13.94
N LYS A 61 9.09 -5.60 13.27
CA LYS A 61 8.95 -5.71 11.83
C LYS A 61 10.30 -5.52 11.14
N TYR A 62 11.21 -4.80 11.79
CA TYR A 62 12.55 -4.55 11.25
C TYR A 62 13.45 -5.75 11.51
N VAL A 63 13.23 -6.82 10.74
CA VAL A 63 13.99 -8.07 10.85
C VAL A 63 15.50 -8.00 10.54
N GLY A 64 15.97 -6.86 10.06
CA GLY A 64 17.38 -6.75 9.76
C GLY A 64 17.63 -6.44 8.29
N ASN A 65 18.90 -6.32 7.92
CA ASN A 65 19.28 -6.05 6.54
C ASN A 65 20.14 -7.19 6.06
N LYS A 66 19.53 -8.09 5.29
CA LYS A 66 20.21 -9.27 4.77
C LYS A 66 21.29 -8.99 3.74
N ILE A 67 20.95 -8.38 2.62
CA ILE A 67 21.96 -8.12 1.60
C ILE A 67 22.69 -6.82 1.86
N THR A 68 23.92 -6.71 1.35
CA THR A 68 24.74 -5.52 1.56
C THR A 68 24.99 -4.71 0.31
N GLU A 69 25.25 -5.42 -0.79
CA GLU A 69 25.54 -4.78 -2.06
C GLU A 69 24.51 -5.14 -3.13
N VAL A 70 24.56 -4.44 -4.25
CA VAL A 70 23.66 -4.72 -5.37
C VAL A 70 24.43 -5.67 -6.27
N ASP A 71 24.05 -6.95 -6.29
CA ASP A 71 24.76 -7.93 -7.10
C ASP A 71 24.45 -7.95 -8.59
N GLU A 72 25.03 -8.92 -9.28
CA GLU A 72 24.87 -9.08 -10.72
C GLU A 72 23.42 -9.25 -11.16
N TYR A 73 22.70 -10.11 -10.46
CA TYR A 73 21.29 -10.36 -10.76
C TYR A 73 20.46 -9.08 -10.64
N MET A 74 20.59 -8.43 -9.49
CA MET A 74 19.89 -7.18 -9.22
C MET A 74 20.23 -6.18 -10.32
N LYS A 75 21.51 -6.07 -10.64
CA LYS A 75 21.93 -5.15 -11.69
C LYS A 75 21.25 -5.47 -13.01
N GLU A 76 21.08 -6.76 -13.30
CA GLU A 76 20.43 -7.11 -14.56
C GLU A 76 18.94 -6.81 -14.48
N ALA A 77 18.36 -7.10 -13.31
CA ALA A 77 16.96 -6.84 -13.07
C ALA A 77 16.73 -5.35 -13.30
N VAL A 78 17.61 -4.52 -12.72
CA VAL A 78 17.51 -3.08 -12.87
C VAL A 78 17.48 -2.69 -14.33
N ASP A 79 18.42 -3.24 -15.11
CA ASP A 79 18.48 -2.94 -16.53
C ASP A 79 17.19 -3.26 -17.25
N HIS A 80 16.74 -4.50 -17.10
CA HIS A 80 15.53 -4.94 -17.78
C HIS A 80 14.29 -4.13 -17.45
N TYR A 81 14.06 -3.85 -16.17
CA TYR A 81 12.89 -3.07 -15.75
C TYR A 81 13.02 -1.64 -16.30
N ALA A 82 14.15 -1.01 -16.02
CA ALA A 82 14.39 0.33 -16.51
C ALA A 82 14.10 0.35 -18.01
N GLY A 83 14.37 -0.77 -18.66
CA GLY A 83 14.13 -0.87 -20.08
C GLY A 83 12.65 -0.74 -20.42
N GLN A 84 11.80 -1.46 -19.69
CA GLN A 84 10.36 -1.41 -19.92
C GLN A 84 9.82 0.00 -19.67
N LEU A 85 10.17 0.56 -18.52
CA LEU A 85 9.70 1.88 -18.17
C LEU A 85 10.12 2.88 -19.21
N MET A 86 11.25 2.59 -19.85
CA MET A 86 11.74 3.49 -20.86
C MET A 86 10.73 3.67 -21.98
N SER A 87 10.03 2.60 -22.32
CA SER A 87 9.04 2.63 -23.40
C SER A 87 7.81 3.47 -23.09
N LEU A 88 7.68 3.93 -21.85
CA LEU A 88 6.54 4.75 -21.48
C LEU A 88 6.77 6.20 -21.82
N ASP A 89 8.02 6.53 -22.13
CA ASP A 89 8.35 7.90 -22.49
C ASP A 89 7.89 8.85 -21.39
N ILE A 90 8.24 8.51 -20.15
CA ILE A 90 7.87 9.30 -18.99
C ILE A 90 8.48 10.70 -19.02
N ASN A 91 7.69 11.70 -18.64
CA ASN A 91 8.17 13.10 -18.60
C ASN A 91 9.06 13.26 -17.39
N THR A 92 10.33 13.53 -17.65
CA THR A 92 11.29 13.66 -16.58
C THR A 92 11.37 15.03 -15.91
N GLU A 93 10.55 15.98 -16.35
CA GLU A 93 10.58 17.33 -15.75
C GLU A 93 10.06 17.33 -14.33
N GLN A 94 10.34 18.40 -13.61
CA GLN A 94 9.90 18.52 -12.23
C GLN A 94 8.42 18.97 -12.27
N MET A 95 7.69 18.86 -11.16
CA MET A 95 6.29 19.26 -11.17
C MET A 95 6.09 20.60 -10.45
N LEU A 97 5.01 23.33 -8.21
CA LEU A 97 4.42 23.34 -6.88
C LEU A 97 2.89 23.32 -6.84
N GLU A 98 2.26 24.12 -7.70
CA GLU A 98 0.81 24.17 -7.72
C GLU A 98 0.25 22.77 -7.92
N ASP A 99 0.58 22.16 -9.06
CA ASP A 99 0.11 20.81 -9.37
C ASP A 99 0.45 19.80 -8.27
N ALA A 100 1.67 19.86 -7.78
CA ALA A 100 2.12 18.96 -6.72
C ALA A 100 1.20 19.05 -5.52
N MET A 101 0.63 20.24 -5.30
CA MET A 101 -0.26 20.48 -4.18
C MET A 101 -1.74 20.21 -4.42
N TYR A 102 -2.29 20.82 -5.47
CA TYR A 102 -3.71 20.67 -5.77
C TYR A 102 -4.08 19.70 -6.88
N GLY A 103 -3.13 18.87 -7.28
CA GLY A 103 -3.40 17.87 -8.32
C GLY A 103 -3.40 18.32 -9.76
N THR A 104 -3.43 17.31 -10.65
CA THR A 104 -3.43 17.49 -12.11
C THR A 104 -3.60 16.10 -12.73
N ASP A 105 -4.01 16.02 -13.99
CA ASP A 105 -4.24 14.72 -14.64
C ASP A 105 -3.17 13.67 -14.33
N GLY A 106 -3.56 12.64 -13.58
CA GLY A 106 -2.63 11.58 -13.23
C GLY A 106 -2.14 11.63 -11.79
N LEU A 107 -2.56 12.65 -11.05
CA LEU A 107 -2.16 12.78 -9.66
C LEU A 107 -3.24 13.55 -8.90
N GLU A 108 -3.83 12.93 -7.89
CA GLU A 108 -4.86 13.59 -7.11
C GLU A 108 -4.20 14.65 -6.24
N ALA A 109 -5.01 15.56 -5.72
CA ALA A 109 -4.51 16.62 -4.87
C ALA A 109 -4.18 16.03 -3.51
N LEU A 110 -3.37 16.74 -2.73
CA LEU A 110 -2.98 16.28 -1.41
C LEU A 110 -4.18 15.95 -0.56
N ASP A 111 -4.05 14.88 0.21
CA ASP A 111 -5.16 14.48 1.08
C ASP A 111 -5.18 15.29 2.33
N LEU A 112 -6.33 15.90 2.55
CA LEU A 112 -6.49 16.74 3.67
C LEU A 112 -6.73 16.10 5.02
N SER A 113 -7.03 14.82 5.05
CA SER A 113 -7.30 14.21 6.34
C SER A 113 -6.06 13.79 7.12
N THR A 114 -5.08 13.24 6.41
CA THR A 114 -3.83 12.77 7.01
C THR A 114 -2.91 13.82 7.63
N SER A 115 -2.17 13.39 8.66
CA SER A 115 -1.24 14.23 9.40
C SER A 115 -0.40 15.17 8.54
N ALA A 116 0.03 16.28 9.13
CA ALA A 116 0.86 17.26 8.43
C ALA A 116 2.30 16.98 8.85
N GLY A 117 2.45 16.11 9.83
CA GLY A 117 3.77 15.74 10.31
C GLY A 117 4.55 16.87 10.95
N TYR A 118 5.74 16.52 11.44
CA TYR A 118 6.64 17.45 12.12
C TYR A 118 7.06 18.58 11.17
N PRO A 119 7.24 19.80 11.71
CA PRO A 119 7.05 20.15 13.13
C PRO A 119 5.59 20.47 13.49
N TYR A 120 4.80 20.70 12.46
CA TYR A 120 3.39 21.06 12.57
C TYR A 120 2.53 20.22 13.52
N VAL A 121 2.84 18.94 13.67
CA VAL A 121 2.02 18.08 14.53
C VAL A 121 2.18 18.36 16.03
N ALA A 122 3.33 18.89 16.43
CA ALA A 122 3.58 19.20 17.83
C ALA A 122 3.67 20.72 17.93
N MET A 123 3.27 21.37 16.84
CA MET A 123 3.29 22.83 16.70
C MET A 123 1.87 23.36 16.46
N GLY A 124 0.92 22.43 16.33
CA GLY A 124 -0.48 22.80 16.12
C GLY A 124 -1.00 22.80 14.70
N LYS A 125 -0.50 23.72 13.88
CA LYS A 125 -0.92 23.90 12.48
C LYS A 125 -1.29 22.62 11.72
N LYS A 126 -2.43 22.65 11.03
CA LYS A 126 -2.90 21.52 10.21
C LYS A 126 -2.82 21.85 8.73
N LYS A 127 -3.25 20.91 7.89
CA LYS A 127 -3.23 21.12 6.45
C LYS A 127 -4.35 22.06 6.02
N ARG A 128 -5.44 22.06 6.80
CA ARG A 128 -6.60 22.91 6.54
C ARG A 128 -6.16 24.35 6.26
N ASP A 129 -5.17 24.79 7.01
CA ASP A 129 -4.62 26.14 6.88
C ASP A 129 -3.85 26.30 5.57
N ILE A 130 -2.57 25.91 5.63
CA ILE A 130 -1.62 25.98 4.52
C ILE A 130 -2.21 25.85 3.11
N LEU A 131 -3.13 24.92 2.94
CA LEU A 131 -3.73 24.69 1.63
C LEU A 131 -5.02 25.49 1.42
N ASN A 132 -5.51 25.46 0.18
CA ASN A 132 -6.72 26.19 -0.19
C ASN A 132 -7.09 25.72 -1.59
N LYS A 133 -7.97 24.74 -1.68
CA LYS A 133 -8.40 24.16 -2.95
C LYS A 133 -8.71 25.12 -4.11
N GLN A 134 -9.72 25.96 -3.95
CA GLN A 134 -10.13 26.92 -4.99
C GLN A 134 -9.12 28.05 -5.23
N THR A 135 -8.29 28.32 -4.24
CA THR A 135 -7.28 29.36 -4.34
C THR A 135 -6.05 28.86 -5.08
N ARG A 136 -5.51 27.74 -4.60
CA ARG A 136 -4.31 27.12 -5.16
C ARG A 136 -3.17 28.05 -4.78
N ASP A 137 -3.07 28.29 -3.47
CA ASP A 137 -2.05 29.18 -2.93
C ASP A 137 -0.72 28.50 -2.66
N THR A 138 0.22 28.72 -3.57
CA THR A 138 1.57 28.18 -3.44
C THR A 138 2.27 28.90 -2.30
N LYS A 139 2.00 30.20 -2.22
CA LYS A 139 2.57 31.12 -1.22
C LYS A 139 2.79 30.60 0.21
N GLU A 140 1.74 30.09 0.84
CA GLU A 140 1.87 29.58 2.21
C GLU A 140 2.82 28.38 2.31
N MET A 141 2.61 27.39 1.45
CA MET A 141 3.47 26.21 1.45
C MET A 141 4.87 26.72 1.14
N GLN A 142 4.93 27.48 0.05
CA GLN A 142 6.15 28.12 -0.45
C GLN A 142 6.94 28.76 0.68
N LYS A 143 6.23 29.50 1.54
CA LYS A 143 6.83 30.18 2.68
C LYS A 143 7.28 29.15 3.70
N LEU A 144 6.43 28.17 3.97
CA LEU A 144 6.72 27.12 4.94
C LEU A 144 7.92 26.25 4.54
N LEU A 145 8.14 26.14 3.22
CA LEU A 145 9.26 25.37 2.73
C LEU A 145 10.57 26.06 3.06
N ASP A 146 10.71 27.30 2.58
CA ASP A 146 11.92 28.09 2.82
C ASP A 146 12.22 28.13 4.33
N THR A 147 11.17 28.19 5.13
CA THR A 147 11.32 28.25 6.58
C THR A 147 11.86 26.97 7.22
N TYR A 148 11.10 25.87 7.08
CA TYR A 148 11.50 24.60 7.68
C TYR A 148 12.28 23.62 6.81
N GLY A 149 12.31 23.88 5.50
CA GLY A 149 13.06 23.03 4.59
C GLY A 149 12.57 21.58 4.48
N ILE A 150 13.34 20.76 3.77
CA ILE A 150 12.95 19.35 3.59
C ILE A 150 13.78 18.36 4.39
N ASN A 151 13.56 17.08 4.12
CA ASN A 151 14.23 15.97 4.81
C ASN A 151 13.94 16.07 6.32
N LEU A 152 12.66 16.18 6.66
CA LEU A 152 12.21 16.29 8.05
C LEU A 152 11.75 14.96 8.63
N PRO A 153 12.03 14.72 9.92
CA PRO A 153 11.67 13.50 10.64
C PRO A 153 10.30 12.96 10.31
N LEU A 154 10.11 11.67 10.54
CA LEU A 154 8.83 11.03 10.28
C LEU A 154 8.12 10.80 11.59
N VAL A 155 6.88 11.28 11.67
CA VAL A 155 6.09 11.11 12.88
C VAL A 155 5.46 9.72 12.79
N THR A 156 5.74 8.88 13.78
CA THR A 156 5.24 7.53 13.77
C THR A 156 4.04 7.29 14.70
N TYR A 157 2.90 6.97 14.08
CA TYR A 157 1.65 6.68 14.79
C TYR A 157 1.34 5.20 14.72
N VAL A 158 0.48 4.72 15.62
CA VAL A 158 0.04 3.33 15.58
C VAL A 158 -1.25 3.42 14.78
N LYS A 159 -1.41 2.57 13.77
CA LYS A 159 -2.60 2.62 12.94
C LYS A 159 -3.83 2.05 13.61
N ASP A 160 -4.88 2.87 13.66
CA ASP A 160 -6.17 2.51 14.27
C ASP A 160 -7.01 1.72 13.27
N GLU A 161 -7.08 0.41 13.48
CA GLU A 161 -7.80 -0.40 12.54
C GLU A 161 -8.13 -1.78 13.11
N LEU A 162 -8.87 -2.57 12.35
CA LEU A 162 -9.23 -3.91 12.81
C LEU A 162 -8.08 -4.90 12.57
N ARG A 163 -7.91 -5.82 13.50
CA ARG A 163 -6.84 -6.82 13.42
C ARG A 163 -7.32 -8.11 14.05
N SER A 164 -6.78 -9.23 13.60
CA SER A 164 -7.16 -10.53 14.16
C SER A 164 -6.85 -10.52 15.65
N LYS A 165 -7.45 -11.46 16.39
CA LYS A 165 -7.23 -11.54 17.83
C LYS A 165 -5.75 -11.82 18.11
N THR A 166 -5.14 -12.68 17.30
CA THR A 166 -3.74 -13.04 17.45
C THR A 166 -2.87 -11.80 17.38
N LYS A 167 -3.03 -11.03 16.30
CA LYS A 167 -2.24 -9.83 16.14
C LYS A 167 -2.58 -8.76 17.18
N VAL A 168 -3.63 -8.99 17.95
CA VAL A 168 -4.00 -8.06 19.01
C VAL A 168 -3.25 -8.49 20.25
N GLU A 169 -3.26 -9.80 20.50
CA GLU A 169 -2.59 -10.38 21.66
C GLU A 169 -1.08 -10.24 21.57
N GLN A 170 -0.54 -10.20 20.35
CA GLN A 170 0.89 -10.08 20.17
C GLN A 170 1.35 -8.66 19.81
N GLY A 171 0.49 -7.69 20.08
CA GLY A 171 0.82 -6.31 19.79
C GLY A 171 1.24 -6.01 18.38
N LYS A 172 0.92 -6.92 17.45
CA LYS A 172 1.25 -6.74 16.05
C LYS A 172 0.42 -5.62 15.43
N SER A 173 0.51 -4.42 15.96
CA SER A 173 -0.24 -3.32 15.40
C SER A 173 0.62 -2.71 14.31
N ARG A 174 0.00 -2.26 13.23
CA ARG A 174 0.77 -1.66 12.17
C ARG A 174 1.05 -0.21 12.51
N LEU A 175 2.19 0.30 12.05
CA LEU A 175 2.57 1.67 12.32
C LEU A 175 2.49 2.54 11.08
N ILE A 176 2.18 3.82 11.26
CA ILE A 176 2.12 4.75 10.14
C ILE A 176 3.24 5.76 10.32
N GLU A 177 4.20 5.77 9.40
CA GLU A 177 5.31 6.71 9.48
C GLU A 177 5.01 7.88 8.56
N ALA A 178 4.45 8.94 9.13
CA ALA A 178 4.06 10.14 8.37
C ALA A 178 5.19 11.11 8.05
N SER A 179 5.20 11.58 6.80
CA SER A 179 6.20 12.53 6.35
C SER A 179 5.65 13.95 6.46
N SER A 180 6.53 14.91 6.74
CA SER A 180 6.11 16.29 6.84
C SER A 180 5.50 16.70 5.51
N LEU A 181 4.58 17.65 5.56
CA LEU A 181 3.93 18.15 4.36
C LEU A 181 5.00 18.66 3.38
N ASN A 182 6.07 19.21 3.93
CA ASN A 182 7.15 19.73 3.12
C ASN A 182 7.74 18.62 2.25
N ASP A 183 8.26 17.58 2.91
CA ASP A 183 8.85 16.44 2.18
C ASP A 183 7.87 15.93 1.15
N SER A 184 6.66 15.63 1.61
CA SER A 184 5.62 15.14 0.74
C SER A 184 5.42 16.02 -0.51
N VAL A 185 5.49 17.34 -0.33
CA VAL A 185 5.31 18.25 -1.45
C VAL A 185 6.53 18.28 -2.35
N ALA A 186 7.71 18.27 -1.73
CA ALA A 186 8.96 18.28 -2.47
C ALA A 186 8.99 17.05 -3.38
N MET A 187 8.87 15.86 -2.79
CA MET A 187 8.88 14.61 -3.53
C MET A 187 7.84 14.58 -4.62
N ARG A 188 6.66 15.13 -4.34
CA ARG A 188 5.62 15.15 -5.35
C ARG A 188 6.09 16.05 -6.48
N MET A 189 6.93 17.05 -6.17
CA MET A 189 7.43 17.93 -7.21
C MET A 189 8.51 17.20 -8.00
N ALA A 190 9.41 16.55 -7.27
CA ALA A 190 10.49 15.80 -7.90
C ALA A 190 9.99 14.66 -8.78
N PHE A 191 9.10 13.85 -8.23
CA PHE A 191 8.56 12.68 -8.92
C PHE A 191 7.15 12.80 -9.47
N GLY A 192 6.56 13.97 -9.28
CA GLY A 192 5.21 14.21 -9.75
C GLY A 192 4.77 13.54 -11.05
N ASN A 193 5.58 13.66 -12.09
CA ASN A 193 5.20 13.06 -13.37
C ASN A 193 5.39 11.56 -13.40
N LEU A 194 6.31 11.07 -12.57
CA LEU A 194 6.55 9.64 -12.51
C LEU A 194 5.26 9.01 -12.01
N TYR A 195 4.75 9.58 -10.91
CA TYR A 195 3.50 9.12 -10.29
C TYR A 195 2.38 9.13 -11.30
N ALA A 196 2.26 10.25 -12.01
CA ALA A 196 1.24 10.41 -13.03
C ALA A 196 1.32 9.26 -14.02
N ALA A 197 2.49 9.09 -14.63
CA ALA A 197 2.70 8.02 -15.61
C ALA A 197 2.25 6.66 -15.09
N PHE A 198 2.62 6.34 -13.86
CA PHE A 198 2.24 5.07 -13.29
C PHE A 198 0.73 4.94 -13.11
N HIS A 199 0.13 5.97 -12.53
CA HIS A 199 -1.31 5.99 -12.28
C HIS A 199 -2.09 5.81 -13.58
N LYS A 200 -1.64 6.49 -14.63
CA LYS A 200 -2.28 6.44 -15.94
C LYS A 200 -1.93 5.19 -16.74
N ASN A 201 -1.06 4.34 -16.20
CA ASN A 201 -0.66 3.14 -16.91
C ASN A 201 -0.61 1.85 -16.11
N PRO A 202 -1.66 1.57 -15.32
CA PRO A 202 -1.56 0.31 -14.58
C PRO A 202 -1.42 -0.81 -15.60
N GLY A 203 -0.62 -1.82 -15.27
CA GLY A 203 -0.43 -2.94 -16.17
C GLY A 203 0.94 -3.57 -16.08
N VAL A 204 1.29 -4.33 -17.11
CA VAL A 204 2.56 -5.04 -17.17
C VAL A 204 3.74 -4.23 -17.71
N ILE A 205 3.51 -2.98 -18.09
CA ILE A 205 4.64 -2.18 -18.57
C ILE A 205 5.20 -1.45 -17.37
N THR A 206 4.35 -1.07 -16.44
CA THR A 206 4.86 -0.40 -15.24
C THR A 206 4.99 -1.51 -14.22
N GLY A 207 4.28 -2.61 -14.45
CA GLY A 207 4.32 -3.69 -13.50
C GLY A 207 3.71 -3.16 -12.21
N SER A 208 2.93 -2.09 -12.36
CA SER A 208 2.27 -1.45 -11.24
C SER A 208 0.76 -1.51 -11.42
N ALA A 209 0.06 -1.54 -10.29
CA ALA A 209 -1.38 -1.58 -10.28
C ALA A 209 -1.89 -0.35 -9.51
N VAL A 210 -0.96 0.41 -8.96
CA VAL A 210 -1.33 1.59 -8.20
C VAL A 210 -2.18 2.55 -9.01
N GLY A 211 -3.30 2.99 -8.42
CA GLY A 211 -4.21 3.91 -9.08
C GLY A 211 -5.31 3.22 -9.87
N ASP A 213 -8.50 0.77 -11.10
CA ASP A 213 -9.91 0.71 -10.75
C ASP A 213 -10.33 -0.76 -10.97
N PRO A 214 -10.31 -1.57 -9.91
CA PRO A 214 -10.67 -2.98 -9.97
C PRO A 214 -11.83 -3.37 -10.87
N ASP A 215 -12.90 -2.56 -10.87
CA ASP A 215 -14.06 -2.87 -11.69
C ASP A 215 -13.75 -2.99 -13.18
N LEU A 216 -12.86 -2.14 -13.67
CA LEU A 216 -12.47 -2.17 -15.07
C LEU A 216 -11.22 -3.03 -15.25
N PHE A 217 -10.20 -2.71 -14.47
CA PHE A 217 -8.92 -3.38 -14.53
C PHE A 217 -8.94 -4.92 -14.48
N TRP A 218 -9.77 -5.53 -13.65
CA TRP A 218 -9.77 -6.99 -13.58
C TRP A 218 -9.95 -7.70 -14.91
N SER A 219 -10.61 -7.04 -15.86
CA SER A 219 -10.83 -7.65 -17.16
C SER A 219 -9.61 -7.58 -18.07
N LYS A 220 -8.74 -6.61 -17.84
CA LYS A 220 -7.53 -6.45 -18.63
C LYS A 220 -6.37 -7.34 -18.16
N ILE A 221 -6.42 -7.78 -16.91
CA ILE A 221 -5.35 -8.59 -16.37
C ILE A 221 -5.08 -9.94 -17.03
N PRO A 222 -6.10 -10.82 -17.12
CA PRO A 222 -5.87 -12.12 -17.74
C PRO A 222 -5.23 -12.02 -19.13
N VAL A 223 -5.63 -11.02 -19.88
CA VAL A 223 -5.10 -10.82 -21.21
C VAL A 223 -3.62 -10.50 -21.16
N LEU A 224 -3.21 -9.72 -20.16
CA LEU A 224 -1.81 -9.32 -20.01
C LEU A 224 -0.87 -10.42 -19.50
N MET A 225 -1.43 -11.38 -18.78
CA MET A 225 -0.65 -12.47 -18.22
C MET A 225 -0.20 -13.54 -19.22
N GLU A 226 0.83 -14.27 -18.83
CA GLU A 226 1.36 -15.36 -19.63
C GLU A 226 0.56 -16.60 -19.26
N GLU A 227 0.91 -17.70 -19.89
CA GLU A 227 0.24 -18.98 -19.67
C GLU A 227 0.25 -19.45 -18.22
N LYS A 228 1.43 -19.47 -17.62
CA LYS A 228 1.61 -19.94 -16.24
C LYS A 228 1.70 -18.85 -15.18
N LEU A 229 0.79 -18.91 -14.21
CA LEU A 229 0.74 -17.92 -13.13
C LEU A 229 1.46 -18.36 -11.86
N PHE A 230 2.15 -17.42 -11.22
CA PHE A 230 2.78 -17.72 -9.95
C PHE A 230 2.58 -16.49 -9.09
N ALA A 231 2.50 -16.70 -7.78
CA ALA A 231 2.29 -15.59 -6.87
C ALA A 231 2.59 -16.02 -5.45
N PHE A 232 2.84 -15.02 -4.61
CA PHE A 232 3.11 -15.23 -3.19
C PHE A 232 3.02 -13.88 -2.52
N ASP A 233 2.87 -13.89 -1.21
CA ASP A 233 2.79 -12.64 -0.47
C ASP A 233 3.98 -12.63 0.47
N TYR A 234 4.36 -11.43 0.89
CA TYR A 234 5.49 -11.23 1.79
C TYR A 234 5.04 -11.04 3.21
N THR A 235 5.99 -11.22 4.12
CA THR A 235 5.74 -11.02 5.53
C THR A 235 6.65 -9.85 5.89
N GLY A 236 6.03 -8.71 6.19
CA GLY A 236 6.79 -7.51 6.55
C GLY A 236 7.62 -7.00 5.40
N TYR A 237 7.03 -6.98 4.20
CA TYR A 237 7.73 -6.50 3.02
C TYR A 237 8.45 -5.20 3.31
N ASP A 238 7.67 -4.13 3.49
CA ASP A 238 8.21 -2.80 3.75
C ASP A 238 9.41 -2.75 4.69
N ALA A 239 9.25 -3.29 5.89
CA ALA A 239 10.31 -3.29 6.89
C ALA A 239 11.51 -4.19 6.58
N SER A 240 11.32 -5.19 5.73
CA SER A 240 12.42 -6.09 5.40
C SER A 240 13.38 -5.54 4.36
N LEU A 241 12.90 -4.63 3.51
CA LEU A 241 13.74 -4.04 2.47
C LEU A 241 15.10 -3.57 2.99
N SER A 242 16.17 -4.07 2.39
CA SER A 242 17.52 -3.69 2.77
C SER A 242 17.95 -2.49 1.94
N PRO A 243 18.93 -1.71 2.42
CA PRO A 243 19.40 -0.54 1.68
C PRO A 243 19.70 -0.83 0.20
N ALA A 244 20.29 -1.99 -0.07
CA ALA A 244 20.63 -2.34 -1.44
C ALA A 244 19.43 -2.26 -2.39
N TRP A 245 18.24 -2.59 -1.90
CA TRP A 245 17.06 -2.55 -2.76
C TRP A 245 16.69 -1.11 -3.12
N PHE A 246 17.04 -0.18 -2.23
CA PHE A 246 16.76 1.23 -2.50
C PHE A 246 17.79 1.71 -3.53
N GLU A 247 19.03 1.25 -3.39
CA GLU A 247 20.07 1.63 -4.33
C GLU A 247 19.68 1.18 -5.72
N ALA A 248 19.19 -0.07 -5.83
CA ALA A 248 18.76 -0.58 -7.11
C ALA A 248 17.64 0.30 -7.65
N LEU A 249 16.78 0.78 -6.75
CA LEU A 249 15.67 1.62 -7.14
C LEU A 249 16.16 2.93 -7.72
N LYS A 250 17.21 3.48 -7.13
CA LYS A 250 17.78 4.74 -7.60
C LYS A 250 18.42 4.52 -8.97
N MET A 251 18.99 3.34 -9.17
CA MET A 251 19.62 3.02 -10.45
C MET A 251 18.56 3.04 -11.55
N VAL A 252 17.36 2.60 -11.23
CA VAL A 252 16.28 2.59 -12.21
C VAL A 252 15.86 4.02 -12.50
N LEU A 253 15.65 4.80 -11.45
CA LEU A 253 15.24 6.19 -11.57
C LEU A 253 16.27 6.94 -12.39
N GLU A 254 17.53 6.69 -12.05
CA GLU A 254 18.67 7.29 -12.72
C GLU A 254 18.60 6.97 -14.22
N LYS A 255 18.45 5.70 -14.55
CA LYS A 255 18.38 5.28 -15.94
C LYS A 255 17.21 5.82 -16.74
N ILE A 256 16.20 6.40 -16.08
CA ILE A 256 15.04 6.92 -16.83
C ILE A 256 14.87 8.43 -16.78
N GLY A 257 15.89 9.14 -16.28
CA GLY A 257 15.85 10.59 -16.23
C GLY A 257 15.69 11.27 -14.88
N PHE A 258 15.78 10.50 -13.80
CA PHE A 258 15.61 11.10 -12.49
C PHE A 258 16.84 11.01 -11.61
N GLY A 259 18.00 10.72 -12.20
CA GLY A 259 19.23 10.63 -11.43
C GLY A 259 19.34 11.94 -10.70
N ASP A 260 18.71 12.91 -11.35
CA ASP A 260 18.58 14.29 -10.93
C ASP A 260 18.28 14.41 -9.42
N ARG A 261 17.23 13.74 -8.97
CA ARG A 261 16.81 13.79 -7.58
C ARG A 261 16.68 12.45 -6.86
N VAL A 262 17.60 11.52 -7.12
CA VAL A 262 17.53 10.23 -6.47
C VAL A 262 17.87 10.33 -4.98
N ASP A 263 18.28 11.52 -4.56
CA ASP A 263 18.66 11.75 -3.16
C ASP A 263 17.49 11.49 -2.22
N TYR A 264 16.29 11.82 -2.70
CA TYR A 264 15.09 11.63 -1.93
C TYR A 264 14.97 10.18 -1.48
N ILE A 265 15.26 9.26 -2.40
CA ILE A 265 15.17 7.85 -2.10
C ILE A 265 16.08 7.53 -0.93
N ASP A 266 17.09 8.35 -0.73
CA ASP A 266 18.02 8.14 0.39
C ASP A 266 17.35 8.34 1.75
N TYR A 267 16.41 9.27 1.83
CA TYR A 267 15.75 9.49 3.12
C TYR A 267 14.70 8.41 3.42
N LEU A 268 14.18 7.80 2.36
CA LEU A 268 13.21 6.72 2.52
C LEU A 268 14.01 5.56 3.12
N ASN A 269 15.23 5.36 2.60
CA ASN A 269 16.13 4.30 3.03
C ASN A 269 16.65 4.50 4.46
N HIS A 270 17.49 5.52 4.62
CA HIS A 270 18.07 5.85 5.91
C HIS A 270 17.16 6.93 6.48
N SER A 271 16.28 6.58 7.42
CA SER A 271 15.36 7.58 7.92
C SER A 271 15.26 7.83 9.43
N HIS A 272 14.87 9.07 9.72
CA HIS A 272 14.69 9.62 11.07
C HIS A 272 13.23 9.54 11.54
N HIS A 273 13.01 8.91 12.69
CA HIS A 273 11.65 8.70 13.20
C HIS A 273 11.32 9.24 14.61
N LEU A 274 10.11 9.75 14.77
CA LEU A 274 9.61 10.25 16.05
C LEU A 274 8.37 9.44 16.47
N TYR A 275 8.49 8.67 17.55
CA TYR A 275 7.36 7.88 18.05
C TYR A 275 7.13 8.21 19.52
N LYS A 276 6.01 8.85 19.82
CA LYS A 276 5.70 9.23 21.20
C LYS A 276 6.76 10.18 21.72
N ASN A 277 7.45 9.75 22.78
CA ASN A 277 8.50 10.54 23.41
C ASN A 277 9.88 10.14 22.92
N LYS A 278 9.98 8.98 22.26
CA LYS A 278 11.26 8.48 21.75
C LYS A 278 11.59 8.87 20.31
N THR A 279 12.88 8.82 19.97
CA THR A 279 13.35 9.13 18.63
C THR A 279 14.32 8.03 18.18
N TYR A 280 14.24 7.64 16.91
CA TYR A 280 15.11 6.58 16.43
C TYR A 280 15.55 6.77 15.00
N VAL A 282 16.48 4.60 11.48
CA VAL A 282 16.34 3.32 10.80
C VAL A 282 17.16 3.21 9.51
N LYS A 283 17.89 2.10 9.39
CA LYS A 283 18.69 1.82 8.19
C LYS A 283 17.88 0.84 7.36
N GLY A 284 17.39 1.31 6.21
CA GLY A 284 16.59 0.46 5.35
C GLY A 284 15.13 0.56 5.76
N GLY A 285 14.26 -0.21 5.12
CA GLY A 285 12.84 -0.18 5.46
C GLY A 285 12.10 0.94 4.74
N MET A 286 10.99 0.62 4.08
CA MET A 286 10.24 1.65 3.38
C MET A 286 9.23 2.26 4.32
N PRO A 287 9.33 3.58 4.58
CA PRO A 287 8.39 4.26 5.47
C PRO A 287 6.98 4.14 4.88
N SER A 288 6.02 3.69 5.68
CA SER A 288 4.65 3.51 5.21
C SER A 288 3.84 4.74 4.77
N GLY A 289 4.12 5.92 5.32
CA GLY A 289 3.33 7.07 4.95
C GLY A 289 3.99 8.23 4.23
N SER A 291 5.31 10.18 0.54
CA SER A 291 4.70 10.41 -0.75
C SER A 291 5.44 9.60 -1.82
N GLY A 292 4.82 8.49 -2.23
CA GLY A 292 5.42 7.63 -3.23
C GLY A 292 5.64 6.23 -2.71
N THR A 293 5.53 6.05 -1.39
CA THR A 293 5.72 4.73 -0.79
C THR A 293 5.13 3.63 -1.65
N SER A 294 3.84 3.70 -1.85
CA SER A 294 3.11 2.74 -2.65
C SER A 294 3.82 2.40 -3.97
N ILE A 295 4.08 3.43 -4.78
CA ILE A 295 4.71 3.25 -6.07
C ILE A 295 6.14 2.72 -6.03
N PHE A 296 6.99 3.32 -5.20
CA PHE A 296 8.36 2.87 -5.11
C PHE A 296 8.39 1.43 -4.62
N ASN A 297 7.41 1.06 -3.81
CA ASN A 297 7.34 -0.31 -3.31
C ASN A 297 7.07 -1.28 -4.46
N SER A 298 6.23 -0.85 -5.39
CA SER A 298 5.89 -1.66 -6.54
C SER A 298 7.08 -1.77 -7.48
N MET A 299 7.83 -0.68 -7.61
CA MET A 299 8.99 -0.67 -8.49
C MET A 299 10.02 -1.64 -7.93
N ILE A 300 10.27 -1.54 -6.63
CA ILE A 300 11.22 -2.42 -5.97
C ILE A 300 10.77 -3.88 -6.11
N ASN A 301 9.47 -4.13 -5.99
CA ASN A 301 8.95 -5.49 -6.11
C ASN A 301 9.19 -5.99 -7.54
N ASN A 302 9.19 -5.08 -8.51
CA ASN A 302 9.44 -5.46 -9.88
C ASN A 302 10.90 -5.87 -10.01
N LEU A 303 11.77 -5.25 -9.19
CA LEU A 303 13.19 -5.57 -9.19
C LEU A 303 13.41 -6.90 -8.49
N ILE A 304 12.69 -7.12 -7.38
CA ILE A 304 12.83 -8.35 -6.63
C ILE A 304 12.46 -9.62 -7.40
N ILE A 305 11.24 -9.67 -7.96
CA ILE A 305 10.81 -10.85 -8.71
C ILE A 305 11.79 -11.12 -9.87
N ARG A 306 12.28 -10.08 -10.55
CA ARG A 306 13.21 -10.29 -11.64
C ARG A 306 14.49 -10.91 -11.08
N THR A 307 15.02 -10.31 -10.03
CA THR A 307 16.25 -10.80 -9.42
C THR A 307 16.13 -12.28 -9.07
N LEU A 308 15.13 -12.65 -8.28
CA LEU A 308 14.97 -14.04 -7.90
C LEU A 308 14.84 -14.97 -9.10
N LEU A 309 14.37 -14.44 -10.23
CA LEU A 309 14.22 -15.27 -11.42
C LEU A 309 15.55 -15.46 -12.13
N LEU A 310 16.34 -14.40 -12.23
CA LEU A 310 17.65 -14.46 -12.88
C LEU A 310 18.61 -15.33 -12.05
N LYS A 311 18.45 -15.29 -10.74
CA LYS A 311 19.28 -16.04 -9.82
C LYS A 311 18.91 -17.52 -9.79
N THR A 312 17.62 -17.80 -9.88
CA THR A 312 17.13 -19.18 -9.81
C THR A 312 17.02 -19.91 -11.14
N TYR A 313 16.75 -19.17 -12.22
CA TYR A 313 16.58 -19.75 -13.54
C TYR A 313 17.42 -19.06 -14.59
N LYS A 314 18.73 -19.25 -14.53
CA LYS A 314 19.62 -18.65 -15.51
C LYS A 314 19.07 -18.97 -16.88
N GLY A 315 18.97 -17.95 -17.72
CA GLY A 315 18.48 -18.18 -19.06
C GLY A 315 17.02 -17.85 -19.24
N ILE A 316 16.35 -17.46 -18.15
CA ILE A 316 14.94 -17.10 -18.21
C ILE A 316 14.77 -15.85 -19.08
N ASP A 317 13.62 -15.70 -19.72
CA ASP A 317 13.38 -14.54 -20.57
C ASP A 317 12.46 -13.53 -19.88
N LEU A 318 13.07 -12.53 -19.24
CA LEU A 318 12.30 -11.52 -18.53
C LEU A 318 11.29 -10.83 -19.44
N ASP A 319 11.63 -10.69 -20.72
CA ASP A 319 10.72 -10.07 -21.68
C ASP A 319 9.37 -10.79 -21.63
N HIS A 320 9.36 -12.06 -21.22
CA HIS A 320 8.11 -12.78 -21.14
C HIS A 320 7.63 -12.96 -19.71
N LEU A 321 8.16 -12.12 -18.83
CA LEU A 321 7.71 -12.13 -17.45
C LEU A 321 6.62 -11.08 -17.50
N LYS A 322 5.42 -11.45 -17.09
CA LYS A 322 4.33 -10.49 -17.06
C LYS A 322 3.85 -10.45 -15.63
N MET A 323 4.13 -9.35 -14.94
CA MET A 323 3.70 -9.23 -13.55
C MET A 323 3.09 -7.86 -13.27
N ILE A 324 2.30 -7.80 -12.20
CA ILE A 324 1.66 -6.55 -11.78
C ILE A 324 1.72 -6.54 -10.26
N ALA A 325 2.30 -5.49 -9.70
CA ALA A 325 2.40 -5.40 -8.25
C ALA A 325 1.69 -4.16 -7.73
N TYR A 326 1.27 -4.26 -6.48
CA TYR A 326 0.63 -3.18 -5.77
C TYR A 326 1.26 -3.24 -4.40
N GLY A 327 2.41 -2.60 -4.26
CA GLY A 327 3.13 -2.66 -3.00
C GLY A 327 3.75 -4.03 -2.90
N ASP A 328 3.51 -4.72 -1.78
CA ASP A 328 4.06 -6.06 -1.57
C ASP A 328 3.21 -7.10 -2.29
N ASP A 329 2.00 -6.72 -2.64
CA ASP A 329 1.08 -7.63 -3.32
C ASP A 329 1.51 -7.78 -4.78
N VAL A 330 1.42 -9.00 -5.32
CA VAL A 330 1.81 -9.24 -6.70
C VAL A 330 1.14 -10.42 -7.37
N ILE A 331 0.87 -10.28 -8.66
CA ILE A 331 0.30 -11.35 -9.48
C ILE A 331 1.27 -11.41 -10.68
N ALA A 332 1.90 -12.56 -10.88
CA ALA A 332 2.85 -12.70 -11.98
C ALA A 332 2.63 -13.92 -12.85
N SER A 333 3.30 -13.95 -13.99
CA SER A 333 3.14 -15.06 -14.91
C SER A 333 4.34 -15.24 -15.83
N TYR A 334 4.48 -16.46 -16.37
CA TYR A 334 5.56 -16.82 -17.28
C TYR A 334 5.07 -17.93 -18.21
N PRO A 335 5.59 -17.99 -19.44
CA PRO A 335 5.16 -19.04 -20.38
C PRO A 335 5.31 -20.45 -19.80
N HIS A 336 6.28 -20.61 -18.91
CA HIS A 336 6.52 -21.90 -18.29
C HIS A 336 6.31 -21.83 -16.79
N GLU A 337 5.99 -22.98 -16.22
CA GLU A 337 5.75 -23.07 -14.80
C GLU A 337 7.06 -22.78 -14.08
N VAL A 338 6.96 -22.34 -12.83
CA VAL A 338 8.16 -22.08 -12.03
C VAL A 338 7.86 -22.51 -10.61
N ASP A 339 8.93 -22.74 -9.85
CA ASP A 339 8.81 -23.18 -8.49
C ASP A 339 8.75 -21.99 -7.54
N ALA A 340 7.56 -21.63 -7.10
CA ALA A 340 7.37 -20.50 -6.18
C ALA A 340 8.12 -20.76 -4.88
N SER A 341 8.00 -21.99 -4.39
CA SER A 341 8.66 -22.41 -3.16
C SER A 341 10.17 -22.20 -3.26
N LEU A 342 10.71 -22.49 -4.44
CA LEU A 342 12.14 -22.35 -4.69
C LEU A 342 12.50 -20.87 -4.79
N LEU A 343 11.65 -20.08 -5.46
CA LEU A 343 11.88 -18.65 -5.58
C LEU A 343 11.85 -18.06 -4.18
N ALA A 344 10.89 -18.55 -3.38
CA ALA A 344 10.72 -18.10 -2.02
C ALA A 344 12.03 -18.29 -1.27
N GLN A 345 12.71 -19.39 -1.57
CA GLN A 345 13.98 -19.67 -0.92
C GLN A 345 15.02 -18.61 -1.25
N SER A 346 15.21 -18.31 -2.54
CA SER A 346 16.18 -17.29 -2.91
C SER A 346 15.80 -15.98 -2.21
N GLY A 347 14.50 -15.81 -1.98
CA GLY A 347 14.01 -14.61 -1.33
C GLY A 347 14.68 -14.36 0.00
N LYS A 348 14.79 -15.41 0.81
CA LYS A 348 15.43 -15.26 2.11
C LYS A 348 16.83 -14.68 1.98
N ASP A 349 17.55 -15.10 0.94
CA ASP A 349 18.92 -14.61 0.73
C ASP A 349 18.93 -13.10 0.45
N TYR A 350 17.80 -12.57 0.00
CA TYR A 350 17.72 -11.14 -0.27
C TYR A 350 16.98 -10.39 0.82
N GLY A 351 16.74 -11.06 1.94
CA GLY A 351 16.07 -10.46 3.08
C GLY A 351 14.56 -10.39 2.99
N LEU A 352 13.98 -11.20 2.12
CA LEU A 352 12.53 -11.20 1.95
C LEU A 352 11.87 -12.47 2.43
N THR A 353 10.78 -12.33 3.17
CA THR A 353 10.05 -13.49 3.64
C THR A 353 8.84 -13.67 2.75
N MET A 354 8.94 -14.63 1.85
CA MET A 354 7.87 -14.93 0.91
C MET A 354 7.20 -16.21 1.33
N THR A 355 5.88 -16.24 1.19
CA THR A 355 5.11 -17.42 1.57
C THR A 355 3.99 -17.70 0.59
N PRO A 356 3.51 -18.95 0.59
CA PRO A 356 2.42 -19.42 -0.28
C PRO A 356 1.35 -18.36 -0.35
N ALA A 357 1.00 -17.98 -1.57
CA ALA A 357 -0.02 -16.95 -1.79
C ALA A 357 -1.28 -17.20 -0.95
N ASP A 358 -1.65 -16.20 -0.14
CA ASP A 358 -2.82 -16.25 0.71
C ASP A 358 -2.73 -17.33 1.79
N LYS A 359 -1.79 -17.14 2.70
CA LYS A 359 -1.55 -18.03 3.83
C LYS A 359 -1.73 -19.52 3.57
N SER A 360 -1.59 -19.96 2.32
CA SER A 360 -1.73 -21.39 2.04
C SER A 360 -0.74 -22.14 2.91
N ALA A 361 -1.01 -23.42 3.14
CA ALA A 361 -0.11 -24.22 3.96
C ALA A 361 1.23 -24.27 3.23
N THR A 362 1.17 -24.68 1.98
CA THR A 362 2.36 -24.78 1.16
C THR A 362 2.07 -24.17 -0.20
N PHE A 363 3.11 -24.10 -1.03
CA PHE A 363 2.96 -23.53 -2.36
C PHE A 363 2.25 -24.50 -3.29
N GLU A 364 1.09 -24.08 -3.78
CA GLU A 364 0.30 -24.89 -4.70
C GLU A 364 0.31 -24.23 -6.08
N THR A 365 -0.15 -24.95 -7.09
CA THR A 365 -0.20 -24.39 -8.44
C THR A 365 -1.19 -23.24 -8.44
N VAL A 366 -0.81 -22.11 -9.05
CA VAL A 366 -1.69 -20.94 -9.10
C VAL A 366 -2.59 -20.98 -10.34
N THR A 367 -3.89 -20.79 -10.11
CA THR A 367 -4.86 -20.81 -11.20
C THR A 367 -5.78 -19.59 -11.19
N TRP A 368 -6.55 -19.44 -12.27
CA TRP A 368 -7.47 -18.31 -12.37
C TRP A 368 -8.66 -18.50 -11.44
N GLU A 369 -8.75 -19.71 -10.87
CA GLU A 369 -9.82 -20.06 -9.97
C GLU A 369 -9.45 -19.69 -8.54
N ASN A 370 -8.18 -19.93 -8.18
CA ASN A 370 -7.71 -19.65 -6.83
C ASN A 370 -6.85 -18.41 -6.63
N VAL A 371 -6.41 -17.78 -7.72
CA VAL A 371 -5.56 -16.61 -7.58
C VAL A 371 -6.30 -15.37 -7.04
N THR A 372 -5.62 -14.61 -6.19
CA THR A 372 -6.19 -13.38 -5.65
C THR A 372 -5.21 -12.23 -5.80
N PHE A 373 -5.73 -11.02 -5.92
CA PHE A 373 -4.90 -9.82 -6.05
C PHE A 373 -5.69 -8.78 -5.29
N LEU A 374 -5.10 -8.23 -4.24
CA LEU A 374 -5.77 -7.25 -3.40
C LEU A 374 -6.96 -7.90 -2.70
N LYS A 375 -6.74 -9.14 -2.27
CA LYS A 375 -7.76 -9.92 -1.58
C LYS A 375 -8.89 -10.33 -2.50
N ARG A 376 -8.94 -9.71 -3.68
CA ARG A 376 -9.99 -9.99 -4.66
C ARG A 376 -9.70 -11.19 -5.55
N PHE A 377 -10.76 -11.88 -5.96
CA PHE A 377 -10.63 -13.04 -6.83
C PHE A 377 -10.94 -12.58 -8.24
N PHE A 378 -10.85 -13.52 -9.18
CA PHE A 378 -11.15 -13.24 -10.57
C PHE A 378 -12.25 -14.21 -10.95
N ARG A 379 -13.37 -13.65 -11.41
CA ARG A 379 -14.52 -14.46 -11.82
C ARG A 379 -15.19 -13.85 -13.04
N ALA A 380 -15.18 -14.60 -14.15
CA ALA A 380 -15.80 -14.13 -15.38
C ALA A 380 -17.32 -14.10 -15.18
N ASP A 381 -17.95 -13.04 -15.69
CA ASP A 381 -19.39 -12.89 -15.55
C ASP A 381 -20.12 -13.98 -16.34
N GLU A 382 -21.11 -14.59 -15.70
CA GLU A 382 -21.87 -15.65 -16.35
C GLU A 382 -22.45 -15.28 -17.71
N LYS A 383 -23.08 -14.11 -17.79
CA LYS A 383 -23.69 -13.66 -19.05
C LYS A 383 -22.72 -13.13 -20.10
N TYR A 384 -21.62 -12.53 -19.66
CA TYR A 384 -20.64 -12.01 -20.61
C TYR A 384 -19.23 -12.31 -20.10
N PRO A 385 -18.79 -13.56 -20.23
CA PRO A 385 -17.47 -14.04 -19.79
C PRO A 385 -16.27 -13.18 -20.09
N PHE A 386 -16.33 -12.35 -21.13
CA PHE A 386 -15.19 -11.52 -21.43
C PHE A 386 -15.02 -10.36 -20.46
N LEU A 387 -15.96 -10.25 -19.52
CA LEU A 387 -15.94 -9.22 -18.48
C LEU A 387 -15.62 -9.96 -17.18
N ILE A 388 -14.53 -9.57 -16.53
CA ILE A 388 -14.13 -10.25 -15.29
C ILE A 388 -14.50 -9.50 -14.02
N HIS A 389 -15.08 -10.24 -13.08
CA HIS A 389 -15.49 -9.70 -11.79
C HIS A 389 -14.40 -9.72 -10.74
N PRO A 390 -14.07 -8.56 -10.16
CA PRO A 390 -13.04 -8.62 -9.12
C PRO A 390 -13.88 -9.03 -7.92
N VAL A 391 -13.56 -10.17 -7.30
CA VAL A 391 -14.38 -10.64 -6.17
C VAL A 391 -13.76 -10.67 -4.76
N MET A 392 -14.18 -9.71 -3.95
CA MET A 392 -13.74 -9.59 -2.57
C MET A 392 -14.58 -10.54 -1.71
N PRO A 393 -13.93 -11.41 -0.94
CA PRO A 393 -14.72 -12.33 -0.12
C PRO A 393 -15.69 -11.58 0.81
N MET A 394 -16.86 -12.14 1.05
CA MET A 394 -17.84 -11.48 1.91
C MET A 394 -17.32 -11.31 3.33
N LYS A 395 -16.62 -12.33 3.83
CA LYS A 395 -16.05 -12.29 5.18
C LYS A 395 -15.38 -10.96 5.48
N GLU A 396 -14.65 -10.45 4.50
CA GLU A 396 -13.93 -9.18 4.59
C GLU A 396 -14.90 -8.04 4.79
N ILE A 397 -15.95 -8.01 3.97
CA ILE A 397 -16.98 -6.98 4.03
C ILE A 397 -17.73 -7.05 5.34
N HIS A 398 -18.02 -8.27 5.79
CA HIS A 398 -18.74 -8.49 7.04
C HIS A 398 -17.91 -7.90 8.17
N GLU A 399 -16.64 -8.26 8.22
CA GLU A 399 -15.74 -7.75 9.24
C GLU A 399 -15.76 -6.23 9.26
N SER A 400 -15.67 -5.61 8.10
CA SER A 400 -15.63 -4.16 8.03
C SER A 400 -16.91 -3.46 8.48
N ILE A 401 -18.05 -4.04 8.14
CA ILE A 401 -19.33 -3.42 8.46
C ILE A 401 -19.74 -3.46 9.92
N ARG A 402 -19.15 -4.36 10.70
CA ARG A 402 -19.49 -4.50 12.12
C ARG A 402 -18.89 -3.42 13.02
N TRP A 403 -18.16 -2.47 12.44
CA TRP A 403 -17.55 -1.40 13.23
C TRP A 403 -17.72 -0.04 12.59
N THR A 404 -17.34 0.99 13.32
CA THR A 404 -17.46 2.33 12.80
C THR A 404 -16.61 3.30 13.59
N LYS A 405 -16.11 4.32 12.91
CA LYS A 405 -15.30 5.34 13.57
C LYS A 405 -16.17 6.58 13.71
N ASP A 406 -16.77 6.99 12.60
CA ASP A 406 -17.62 8.16 12.58
C ASP A 406 -19.01 7.78 12.06
N PRO A 407 -20.06 8.02 12.86
CA PRO A 407 -21.45 7.72 12.50
C PRO A 407 -21.91 8.50 11.27
N ARG A 408 -21.26 9.62 11.02
CA ARG A 408 -21.58 10.47 9.87
C ARG A 408 -21.13 9.87 8.54
N ASN A 409 -20.23 8.89 8.62
CA ASN A 409 -19.73 8.24 7.42
C ASN A 409 -20.33 6.85 7.22
N THR A 410 -21.39 6.55 7.94
CA THR A 410 -22.04 5.25 7.82
C THR A 410 -22.61 5.05 6.41
N GLN A 411 -23.19 6.11 5.86
CA GLN A 411 -23.74 6.03 4.51
C GLN A 411 -22.65 5.65 3.53
N ASP A 412 -21.59 6.46 3.50
CA ASP A 412 -20.48 6.21 2.59
C ASP A 412 -19.75 4.90 2.86
N HIS A 413 -19.61 4.54 4.13
CA HIS A 413 -18.93 3.29 4.48
C HIS A 413 -19.68 2.07 3.96
N VAL A 414 -21.02 2.06 4.13
CA VAL A 414 -21.81 0.92 3.68
C VAL A 414 -21.94 0.92 2.16
N ARG A 415 -22.12 2.11 1.60
CA ARG A 415 -22.23 2.24 0.15
C ARG A 415 -20.98 1.60 -0.46
N SER A 416 -19.81 2.01 0.03
CA SER A 416 -18.52 1.49 -0.44
C SER A 416 -18.47 -0.01 -0.36
N LEU A 417 -18.89 -0.55 0.77
CA LEU A 417 -18.86 -2.00 0.94
C LEU A 417 -19.77 -2.65 -0.08
N CYS A 418 -20.87 -1.98 -0.42
CA CYS A 418 -21.80 -2.54 -1.40
C CYS A 418 -21.19 -2.67 -2.79
N LEU A 419 -20.34 -1.71 -3.15
CA LEU A 419 -19.66 -1.72 -4.44
C LEU A 419 -18.65 -2.85 -4.54
N LEU A 420 -18.22 -3.37 -3.40
CA LEU A 420 -17.27 -4.47 -3.40
C LEU A 420 -18.06 -5.76 -3.40
N ALA A 421 -19.04 -5.83 -2.52
CA ALA A 421 -19.89 -7.01 -2.33
C ALA A 421 -20.69 -7.57 -3.50
N TRP A 422 -21.42 -6.71 -4.22
CA TRP A 422 -22.26 -7.19 -5.32
C TRP A 422 -21.62 -8.14 -6.31
N HIS A 423 -20.29 -8.10 -6.42
CA HIS A 423 -19.57 -8.97 -7.35
C HIS A 423 -19.64 -10.44 -6.93
N ASN A 424 -20.13 -10.69 -5.72
CA ASN A 424 -20.27 -12.05 -5.21
C ASN A 424 -21.52 -12.72 -5.73
N GLY A 425 -22.28 -11.98 -6.54
CA GLY A 425 -23.51 -12.52 -7.10
C GLY A 425 -24.76 -11.85 -6.55
N GLU A 426 -25.84 -11.90 -7.32
CA GLU A 426 -27.09 -11.28 -6.92
C GLU A 426 -27.67 -11.86 -5.64
N GLU A 427 -27.71 -13.18 -5.55
CA GLU A 427 -28.27 -13.81 -4.37
C GLU A 427 -27.55 -13.31 -3.11
N GLU A 428 -26.23 -13.35 -3.16
CA GLU A 428 -25.40 -12.93 -2.04
C GLU A 428 -25.58 -11.47 -1.69
N TYR A 429 -25.66 -10.63 -2.71
CA TYR A 429 -25.82 -9.20 -2.48
C TYR A 429 -27.15 -8.87 -1.79
N ASN A 430 -28.21 -9.56 -2.20
CA ASN A 430 -29.52 -9.33 -1.61
C ASN A 430 -29.57 -9.79 -0.15
N LYS A 431 -28.95 -10.94 0.16
CA LYS A 431 -28.92 -11.41 1.56
C LYS A 431 -28.25 -10.32 2.39
N PHE A 432 -27.19 -9.75 1.82
CA PHE A 432 -26.42 -8.69 2.44
C PHE A 432 -27.29 -7.44 2.64
N LEU A 433 -27.99 -7.02 1.59
CA LEU A 433 -28.87 -5.84 1.70
C LEU A 433 -29.96 -6.10 2.74
N ALA A 434 -30.47 -7.33 2.72
CA ALA A 434 -31.51 -7.74 3.63
C ALA A 434 -31.12 -7.45 5.09
N LYS A 435 -29.99 -8.01 5.51
CA LYS A 435 -29.50 -7.81 6.86
C LYS A 435 -29.22 -6.36 7.18
N ILE A 436 -28.62 -5.64 6.24
CA ILE A 436 -28.34 -4.24 6.47
C ILE A 436 -29.66 -3.56 6.83
N ARG A 437 -30.73 -3.94 6.12
CA ARG A 437 -32.05 -3.38 6.33
C ARG A 437 -32.86 -4.00 7.48
N SER A 438 -32.22 -4.88 8.25
CA SER A 438 -32.92 -5.53 9.36
C SER A 438 -32.77 -4.72 10.65
N VAL A 439 -32.28 -3.49 10.53
CA VAL A 439 -32.13 -2.61 11.68
C VAL A 439 -32.40 -1.18 11.20
N PRO A 440 -32.92 -0.33 12.08
CA PRO A 440 -33.23 1.06 11.71
C PRO A 440 -32.16 1.75 10.86
N ILE A 441 -30.94 1.80 11.36
CA ILE A 441 -29.85 2.47 10.66
C ILE A 441 -29.75 2.06 9.19
N GLY A 442 -29.73 0.75 8.95
CA GLY A 442 -29.63 0.27 7.59
C GLY A 442 -30.81 0.71 6.73
N ARG A 443 -32.02 0.56 7.25
CA ARG A 443 -33.20 0.93 6.49
C ARG A 443 -33.21 2.38 6.04
N ALA A 444 -32.42 3.22 6.71
CA ALA A 444 -32.35 4.63 6.38
C ALA A 444 -31.30 4.97 5.32
N LEU A 445 -30.41 4.02 5.05
CA LEU A 445 -29.35 4.22 4.08
C LEU A 445 -29.85 4.17 2.63
N ASP A 446 -29.10 4.83 1.76
CA ASP A 446 -29.39 4.91 0.33
C ASP A 446 -28.46 3.91 -0.39
N LEU A 447 -28.84 2.65 -0.41
CA LEU A 447 -28.03 1.62 -1.04
C LEU A 447 -28.54 1.25 -2.42
N PRO A 448 -27.62 0.93 -3.35
CA PRO A 448 -27.98 0.56 -4.73
C PRO A 448 -28.37 -0.90 -4.88
N GLU A 449 -29.39 -1.18 -5.68
CA GLU A 449 -29.85 -2.54 -5.91
C GLU A 449 -28.96 -3.25 -6.93
N TYR A 450 -28.93 -4.57 -6.87
CA TYR A 450 -28.09 -5.36 -7.78
C TYR A 450 -28.17 -4.93 -9.23
N SER A 451 -29.34 -5.03 -9.82
CA SER A 451 -29.54 -4.65 -11.21
C SER A 451 -28.86 -3.32 -11.54
N THR A 452 -29.06 -2.31 -10.70
CA THR A 452 -28.47 -1.00 -10.96
C THR A 452 -26.95 -1.11 -11.08
N LEU A 453 -26.33 -1.82 -10.14
CA LEU A 453 -24.89 -2.00 -10.14
C LEU A 453 -24.39 -2.81 -11.32
N TYR A 454 -25.01 -3.95 -11.56
CA TYR A 454 -24.60 -4.83 -12.64
C TYR A 454 -24.72 -4.21 -14.03
N ASP A 455 -25.76 -3.41 -14.23
CA ASP A 455 -25.95 -2.76 -15.52
C ASP A 455 -24.91 -1.66 -15.68
N ARG A 456 -24.79 -0.82 -14.66
CA ARG A 456 -23.84 0.28 -14.67
C ARG A 456 -22.46 -0.29 -15.00
N TRP A 457 -22.13 -1.44 -14.38
CA TRP A 457 -20.86 -2.09 -14.60
C TRP A 457 -20.72 -2.38 -16.09
N LEU A 458 -21.68 -3.14 -16.62
CA LEU A 458 -21.69 -3.51 -18.03
C LEU A 458 -21.45 -2.36 -18.99
N ASP A 459 -21.99 -1.18 -18.69
CA ASP A 459 -21.81 -0.04 -19.59
C ASP A 459 -20.49 0.70 -19.42
N SER A 460 -19.79 0.45 -18.32
CA SER A 460 -18.53 1.14 -18.03
C SER A 460 -17.32 0.83 -18.91
N PHE A 461 -17.35 -0.30 -19.60
CA PHE A 461 -16.23 -0.66 -20.45
C PHE A 461 -16.15 0.13 -21.76
#